data_8ORV
#
_entry.id   8ORV
#
_cell.length_a   54.128
_cell.length_b   95.498
_cell.length_c   93.489
_cell.angle_alpha   90.000
_cell.angle_beta   90.000
_cell.angle_gamma   90.000
#
_symmetry.space_group_name_H-M   'C 2 2 21'
#
loop_
_entity.id
_entity.type
_entity.pdbx_description
1 polymer MPXVgp165
2 non-polymer 9-[(1~{S},6~{R},8~{R},9~{R},10~{R},15~{R},17~{R},18~{R})-8-(6-aminopurin-9-yl)-9,18-bis(fluoranyl)-3,12-bis(oxidanyl)-3,12-bis(oxidanylidene)-2,4,7,11,13-pentaoxa-3$l^{5},12$l^{5}-diphosphatricyclo[13.2.1.0^{6,10}]octadecan-17-yl]-1~{H}-purin-6-one
3 water water
#
_entity_poly.entity_id   1
_entity_poly.type   'polypeptide(L)'
_entity_poly.pdbx_seq_one_letter_code
;SMAMFYAHAFGGYDENLHAFPGISSTVANDVRKYSVVSVYNKKYNIVKNKYMWCNSQVNKRYIGALLPMFECNEYLQIGD
PIHDLEGNQISIVTYRHKNYYALSGIGYESLDLCLEGVGIHHHVLETGNAVYGKVQHEYSTIKEKAKEMNALKPGPIIDY
HVWIGDCVCQVTTVDVHGKEIMRMRFKRGAVLPIPNLV
;
_entity_poly.pdbx_strand_id   A
#
loop_
_chem_comp.id
_chem_comp.type
_chem_comp.name
_chem_comp.formula
VZ6 non-polymer 9-[(1~{S},6~{R},8~{R},9~{R},10~{R},15~{R},17~{R},18~{R})-8-(6-aminopurin-9-yl)-9,18-bis(fluoranyl)-3,12-bis(oxidanyl)-3,12-bis(oxidanylidene)-2,4,7,11,13-pentaoxa-3$l^{5},12$l^{5}-diphosphatricyclo[13.2.1.0^{6,10}]octadecan-17-yl]-1~{H}-purin-6-one 'C21 H23 F2 N9 O10 P2'
#
# COMPACT_ATOMS: atom_id res chain seq x y z
N ALA A 3 16.98 -16.91 -7.28
CA ALA A 3 15.81 -16.07 -6.93
C ALA A 3 15.70 -14.85 -7.84
N MET A 4 14.54 -14.69 -8.46
CA MET A 4 14.32 -13.68 -9.49
C MET A 4 13.21 -12.73 -9.04
N PHE A 5 13.36 -11.45 -9.38
CA PHE A 5 12.43 -10.39 -8.98
C PHE A 5 12.21 -9.51 -10.19
N TYR A 6 10.99 -9.49 -10.70
CA TYR A 6 10.64 -8.73 -11.89
C TYR A 6 9.75 -7.55 -11.55
N ALA A 7 10.09 -6.38 -12.08
CA ALA A 7 9.37 -5.15 -11.76
C ALA A 7 8.13 -4.97 -12.62
N HIS A 8 7.00 -4.78 -11.95
CA HIS A 8 5.77 -4.50 -12.67
C HIS A 8 5.84 -3.24 -13.53
N ALA A 9 6.60 -2.23 -13.11
CA ALA A 9 6.69 -0.99 -13.87
C ALA A 9 7.37 -1.19 -15.20
N PHE A 10 8.09 -2.30 -15.39
CA PHE A 10 8.78 -2.59 -16.63
C PHE A 10 8.20 -3.83 -17.33
N GLY A 11 6.93 -4.12 -17.09
CA GLY A 11 6.26 -5.20 -17.77
C GLY A 11 6.50 -6.55 -17.18
N GLY A 12 7.00 -6.62 -15.94
CA GLY A 12 7.38 -7.89 -15.35
C GLY A 12 6.30 -8.73 -14.70
N TYR A 13 5.06 -8.27 -14.67
CA TYR A 13 4.01 -9.08 -14.06
C TYR A 13 3.93 -10.45 -14.74
N ASP A 14 3.87 -11.47 -13.91
CA ASP A 14 3.69 -12.87 -14.31
C ASP A 14 2.68 -13.50 -13.36
N GLU A 15 1.51 -13.86 -13.87
CA GLU A 15 0.44 -14.35 -12.99
C GLU A 15 0.75 -15.71 -12.37
N ASN A 16 1.79 -16.41 -12.81
CA ASN A 16 2.20 -17.69 -12.26
C ASN A 16 3.32 -17.56 -11.23
N LEU A 17 3.72 -16.34 -10.88
CA LEU A 17 4.70 -16.08 -9.83
C LEU A 17 4.05 -15.41 -8.62
N HIS A 18 4.79 -15.41 -7.50
CA HIS A 18 4.34 -14.69 -6.32
C HIS A 18 4.18 -13.22 -6.64
N ALA A 19 3.09 -12.62 -6.16
CA ALA A 19 2.72 -11.24 -6.45
C ALA A 19 2.76 -10.39 -5.19
N PHE A 20 3.52 -9.30 -5.26
CA PHE A 20 3.66 -8.29 -4.24
C PHE A 20 3.58 -6.92 -4.91
N PRO A 21 3.31 -5.84 -4.12
CA PRO A 21 3.27 -4.52 -4.76
C PRO A 21 4.54 -4.27 -5.58
N GLY A 22 4.40 -4.03 -6.90
CA GLY A 22 5.52 -3.72 -7.75
C GLY A 22 6.37 -4.89 -8.22
N ILE A 23 6.12 -6.13 -7.73
CA ILE A 23 7.03 -7.25 -7.94
C ILE A 23 6.31 -8.56 -8.26
N SER A 24 6.84 -9.29 -9.25
CA SER A 24 6.57 -10.72 -9.43
C SER A 24 7.88 -11.47 -9.19
N SER A 25 7.86 -12.45 -8.30
CA SER A 25 9.08 -13.10 -7.85
C SER A 25 8.92 -14.61 -7.83
N THR A 26 10.06 -15.31 -8.01
CA THR A 26 10.06 -16.76 -7.92
C THR A 26 10.06 -17.26 -6.47
N VAL A 27 10.29 -16.36 -5.48
CA VAL A 27 10.24 -16.71 -4.07
C VAL A 27 9.30 -15.74 -3.35
N ALA A 28 8.86 -16.15 -2.16
CA ALA A 28 7.96 -15.36 -1.29
C ALA A 28 8.65 -15.14 0.06
N ASN A 29 9.37 -14.02 0.17
CA ASN A 29 10.11 -13.68 1.37
C ASN A 29 9.21 -12.89 2.34
N ASP A 30 9.28 -13.28 3.61
CA ASP A 30 8.58 -12.54 4.68
C ASP A 30 9.51 -11.41 5.07
N VAL A 31 9.18 -10.20 4.64
CA VAL A 31 10.08 -9.07 4.84
C VAL A 31 9.85 -8.34 6.17
N ARG A 32 8.89 -8.80 6.96
CA ARG A 32 8.66 -8.21 8.28
C ARG A 32 9.83 -8.39 9.24
N LYS A 33 10.68 -9.38 9.01
CA LYS A 33 11.70 -9.76 10.00
C LYS A 33 12.97 -8.93 9.93
N TYR A 34 13.21 -8.19 8.84
CA TYR A 34 14.48 -7.50 8.67
C TYR A 34 14.50 -6.18 9.44
N SER A 35 15.66 -5.90 10.05
N SER A 35 15.66 -5.91 10.06
CA SER A 35 15.89 -4.58 10.63
CA SER A 35 15.94 -4.61 10.65
C SER A 35 16.95 -3.78 9.86
C SER A 35 16.93 -3.79 9.86
N VAL A 36 17.73 -4.44 9.01
CA VAL A 36 18.77 -3.79 8.22
C VAL A 36 18.82 -4.51 6.88
N VAL A 37 18.97 -3.74 5.80
CA VAL A 37 19.13 -4.29 4.46
C VAL A 37 20.30 -3.57 3.78
N SER A 38 20.68 -4.08 2.62
CA SER A 38 21.82 -3.56 1.86
C SER A 38 21.43 -3.28 0.41
N VAL A 39 21.88 -2.14 -0.10
CA VAL A 39 21.69 -1.76 -1.51
C VAL A 39 23.04 -1.25 -2.01
N TYR A 40 23.59 -1.93 -3.01
CA TYR A 40 24.89 -1.58 -3.57
C TYR A 40 25.92 -1.44 -2.45
N ASN A 41 25.91 -2.44 -1.56
CA ASN A 41 26.90 -2.60 -0.49
C ASN A 41 26.87 -1.45 0.51
N LYS A 42 25.73 -0.76 0.63
CA LYS A 42 25.52 0.19 1.71
C LYS A 42 24.36 -0.30 2.56
N LYS A 43 24.51 -0.24 3.89
CA LYS A 43 23.50 -0.72 4.83
C LYS A 43 22.50 0.38 5.22
N TYR A 44 21.22 0.00 5.32
CA TYR A 44 20.15 0.94 5.69
C TYR A 44 19.23 0.31 6.72
N ASN A 45 18.79 1.11 7.68
CA ASN A 45 17.91 0.65 8.75
C ASN A 45 16.44 0.73 8.36
N ILE A 46 15.70 -0.32 8.74
CA ILE A 46 14.25 -0.34 8.58
C ILE A 46 13.61 0.54 9.65
N VAL A 47 12.63 1.33 9.25
CA VAL A 47 11.95 2.23 10.19
C VAL A 47 11.03 1.42 11.09
N LYS A 48 11.03 1.74 12.38
CA LYS A 48 10.19 1.02 13.33
C LYS A 48 8.81 1.66 13.45
N ASN A 49 7.77 0.84 13.37
CA ASN A 49 6.40 1.23 13.71
C ASN A 49 5.77 2.20 12.73
N LYS A 50 6.32 2.33 11.52
CA LYS A 50 5.73 3.15 10.47
C LYS A 50 6.05 2.51 9.13
N TYR A 51 5.04 2.44 8.25
CA TYR A 51 5.09 1.61 7.05
C TYR A 51 4.74 2.45 5.83
N MET A 52 4.73 1.80 4.65
CA MET A 52 4.36 2.45 3.37
C MET A 52 3.30 1.64 2.67
N TRP A 53 2.15 2.26 2.37
CA TRP A 53 1.05 1.59 1.64
C TRP A 53 1.38 1.65 0.17
N CYS A 54 1.66 0.52 -0.47
CA CYS A 54 2.13 0.46 -1.84
C CYS A 54 1.17 -0.38 -2.66
N ASN A 55 1.01 -0.05 -3.94
CA ASN A 55 0.21 -0.92 -4.80
C ASN A 55 0.74 -0.92 -6.23
N SER A 56 0.51 -2.02 -6.93
CA SER A 56 0.58 -2.07 -8.38
C SER A 56 -0.74 -2.56 -8.96
N GLN A 57 -1.02 -2.14 -10.19
CA GLN A 57 -2.26 -2.44 -10.89
C GLN A 57 -1.87 -2.97 -12.27
N VAL A 58 -2.10 -4.26 -12.48
CA VAL A 58 -1.59 -4.96 -13.66
C VAL A 58 -2.65 -5.98 -14.08
N ASN A 59 -2.99 -5.99 -15.38
N ASN A 59 -2.99 -5.99 -15.38
CA ASN A 59 -3.95 -6.94 -15.93
CA ASN A 59 -3.94 -6.96 -15.91
C ASN A 59 -5.26 -6.95 -15.14
C ASN A 59 -5.27 -6.95 -15.13
N LYS A 60 -5.72 -5.75 -14.78
CA LYS A 60 -6.98 -5.57 -14.05
C LYS A 60 -6.94 -6.20 -12.67
N ARG A 61 -5.74 -6.30 -12.10
CA ARG A 61 -5.53 -6.84 -10.76
C ARG A 61 -4.83 -5.81 -9.88
N TYR A 62 -5.41 -5.53 -8.72
CA TYR A 62 -4.82 -4.63 -7.73
C TYR A 62 -4.08 -5.44 -6.70
N ILE A 63 -2.82 -5.07 -6.42
CA ILE A 63 -1.97 -5.74 -5.43
C ILE A 63 -1.47 -4.67 -4.46
N GLY A 64 -2.06 -4.58 -3.27
CA GLY A 64 -1.73 -3.52 -2.33
C GLY A 64 -1.36 -4.08 -0.98
N ALA A 65 -0.39 -3.43 -0.32
CA ALA A 65 -0.06 -3.83 1.05
C ALA A 65 0.71 -2.77 1.82
N LEU A 66 0.64 -2.87 3.16
CA LEU A 66 1.52 -2.11 4.06
C LEU A 66 2.87 -2.80 4.10
N LEU A 67 3.94 -2.11 3.67
CA LEU A 67 5.29 -2.68 3.59
C LEU A 67 6.27 -1.98 4.54
N PRO A 68 7.22 -2.72 5.11
CA PRO A 68 8.36 -2.06 5.78
C PRO A 68 9.03 -1.09 4.81
N MET A 69 9.71 -0.09 5.37
CA MET A 69 10.51 0.86 4.59
C MET A 69 11.82 1.13 5.33
N PHE A 70 12.88 1.36 4.55
CA PHE A 70 14.19 1.74 5.10
C PHE A 70 14.49 3.19 4.74
N GLU A 71 15.33 3.82 5.57
CA GLU A 71 15.69 5.22 5.40
C GLU A 71 17.03 5.31 4.69
N CYS A 72 17.05 6.05 3.58
CA CYS A 72 18.20 6.09 2.69
C CYS A 72 18.31 7.47 2.07
N ASN A 73 19.44 8.16 2.30
CA ASN A 73 19.63 9.48 1.72
C ASN A 73 20.14 9.45 0.30
N GLU A 74 20.57 8.30 -0.20
CA GLU A 74 20.91 8.15 -1.62
C GLU A 74 19.65 8.03 -2.46
N TYR A 75 19.68 8.52 -3.70
CA TYR A 75 18.55 8.34 -4.59
C TYR A 75 18.65 6.95 -5.22
N LEU A 76 17.65 6.10 -4.98
CA LEU A 76 17.58 4.77 -5.56
C LEU A 76 16.45 4.69 -6.58
N GLN A 77 16.57 3.71 -7.50
CA GLN A 77 15.72 3.60 -8.66
C GLN A 77 15.01 2.26 -8.72
N ILE A 78 13.84 2.25 -9.36
CA ILE A 78 13.10 1.00 -9.53
C ILE A 78 14.00 -0.09 -10.09
N GLY A 79 13.97 -1.25 -9.46
CA GLY A 79 14.75 -2.39 -9.88
C GLY A 79 16.09 -2.56 -9.18
N ASP A 80 16.55 -1.58 -8.43
CA ASP A 80 17.82 -1.75 -7.75
C ASP A 80 17.70 -2.94 -6.78
N PRO A 81 18.61 -3.90 -6.85
CA PRO A 81 18.49 -5.07 -5.98
C PRO A 81 18.69 -4.74 -4.51
N ILE A 82 17.83 -5.31 -3.67
CA ILE A 82 17.93 -5.17 -2.23
C ILE A 82 18.34 -6.52 -1.65
N HIS A 83 19.41 -6.53 -0.84
CA HIS A 83 19.96 -7.75 -0.27
C HIS A 83 19.82 -7.77 1.25
N ASP A 84 19.78 -8.99 1.82
CA ASP A 84 20.01 -9.15 3.25
C ASP A 84 21.51 -9.04 3.52
N LEU A 85 21.86 -9.04 4.81
CA LEU A 85 23.24 -8.89 5.19
C LEU A 85 24.05 -10.15 4.92
N GLU A 86 23.40 -11.27 4.66
CA GLU A 86 24.10 -12.49 4.25
C GLU A 86 24.44 -12.49 2.77
N GLY A 87 24.04 -11.47 2.02
CA GLY A 87 24.34 -11.38 0.60
C GLY A 87 23.27 -11.93 -0.32
N ASN A 88 22.17 -12.46 0.20
CA ASN A 88 21.10 -12.94 -0.65
C ASN A 88 20.23 -11.76 -1.10
N GLN A 89 19.83 -11.76 -2.36
CA GLN A 89 18.86 -10.79 -2.83
C GLN A 89 17.48 -11.17 -2.28
N ILE A 90 16.80 -10.20 -1.69
CA ILE A 90 15.50 -10.47 -1.09
C ILE A 90 14.36 -9.67 -1.71
N SER A 91 14.64 -8.61 -2.49
CA SER A 91 13.63 -7.75 -3.08
C SER A 91 14.32 -6.87 -4.13
N ILE A 92 13.57 -5.92 -4.69
CA ILE A 92 14.07 -4.83 -5.52
C ILE A 92 13.38 -3.54 -5.08
N VAL A 93 14.07 -2.44 -5.34
CA VAL A 93 13.48 -1.13 -5.10
C VAL A 93 12.24 -0.95 -5.96
N THR A 94 11.19 -0.35 -5.36
CA THR A 94 9.90 -0.24 -6.01
C THR A 94 9.30 1.16 -5.84
N TYR A 95 9.06 1.57 -4.56
CA TYR A 95 8.39 2.83 -4.24
C TYR A 95 9.18 3.63 -3.21
N ARG A 96 9.07 4.97 -3.28
N ARG A 96 9.07 4.97 -3.28
CA ARG A 96 9.75 5.82 -2.31
CA ARG A 96 9.75 5.84 -2.32
C ARG A 96 8.84 6.96 -1.84
C ARG A 96 8.84 6.95 -1.83
N HIS A 97 9.11 7.42 -0.62
CA HIS A 97 8.44 8.60 -0.05
C HIS A 97 9.57 9.43 0.53
N LYS A 98 10.03 10.46 -0.20
CA LYS A 98 11.19 11.24 0.23
C LYS A 98 12.40 10.34 0.46
N ASN A 99 12.88 10.18 1.68
CA ASN A 99 14.02 9.32 1.97
C ASN A 99 13.64 7.92 2.46
N TYR A 100 12.36 7.55 2.42
CA TYR A 100 11.89 6.20 2.75
C TYR A 100 11.70 5.38 1.48
N TYR A 101 12.17 4.12 1.51
CA TYR A 101 12.04 3.18 0.41
C TYR A 101 11.35 1.91 0.89
N ALA A 102 10.30 1.54 0.19
CA ALA A 102 9.58 0.32 0.51
C ALA A 102 10.42 -0.93 0.28
N LEU A 103 10.21 -1.90 1.15
CA LEU A 103 10.74 -3.27 1.03
C LEU A 103 9.59 -4.22 0.71
N SER A 104 9.44 -4.56 -0.56
CA SER A 104 8.29 -5.31 -1.01
C SER A 104 8.52 -6.82 -0.97
N GLY A 105 7.48 -7.55 -0.54
CA GLY A 105 7.51 -8.94 -0.14
C GLY A 105 6.25 -9.21 0.65
N ILE A 106 6.26 -10.30 1.41
CA ILE A 106 5.14 -10.58 2.34
C ILE A 106 5.30 -9.59 3.48
N GLY A 107 4.32 -8.70 3.64
CA GLY A 107 4.46 -7.64 4.64
C GLY A 107 3.35 -7.67 5.68
N TYR A 108 2.72 -6.51 5.93
CA TYR A 108 1.66 -6.38 6.91
C TYR A 108 0.31 -6.46 6.19
N GLU A 109 -0.67 -5.63 6.60
CA GLU A 109 -2.04 -5.80 6.11
C GLU A 109 -2.08 -5.56 4.60
N SER A 110 -2.97 -6.26 3.90
CA SER A 110 -2.97 -6.27 2.43
C SER A 110 -4.40 -6.23 1.90
N LEU A 111 -4.49 -5.77 0.65
CA LEU A 111 -5.72 -5.68 -0.10
C LEU A 111 -5.39 -6.18 -1.50
N ASP A 112 -6.05 -7.27 -1.92
CA ASP A 112 -6.01 -7.78 -3.28
C ASP A 112 -7.40 -7.66 -3.89
N LEU A 113 -7.49 -7.18 -5.14
CA LEU A 113 -8.81 -6.86 -5.68
C LEU A 113 -8.86 -7.03 -7.19
N CYS A 114 -9.93 -7.64 -7.68
CA CYS A 114 -10.23 -7.58 -9.11
C CYS A 114 -10.81 -6.19 -9.45
N LEU A 115 -10.16 -5.47 -10.37
CA LEU A 115 -10.53 -4.09 -10.69
C LEU A 115 -11.62 -3.99 -11.74
N GLU A 116 -11.98 -5.07 -12.42
CA GLU A 116 -12.92 -4.95 -13.51
C GLU A 116 -14.28 -4.60 -12.94
N GLY A 117 -14.85 -3.46 -13.35
CA GLY A 117 -16.13 -3.03 -12.86
C GLY A 117 -16.08 -2.08 -11.67
N VAL A 118 -14.92 -1.84 -11.08
CA VAL A 118 -14.82 -0.94 -9.94
C VAL A 118 -13.64 0.00 -10.13
N GLY A 119 -13.56 1.02 -9.25
CA GLY A 119 -12.42 1.89 -9.17
C GLY A 119 -11.78 1.82 -7.79
N ILE A 120 -10.57 2.39 -7.68
CA ILE A 120 -9.89 2.51 -6.41
C ILE A 120 -9.05 3.77 -6.39
N HIS A 121 -9.03 4.41 -5.22
CA HIS A 121 -8.42 5.72 -5.00
C HIS A 121 -7.69 5.72 -3.68
N HIS A 122 -6.56 6.45 -3.63
CA HIS A 122 -5.74 6.54 -2.44
C HIS A 122 -5.64 7.97 -1.93
N HIS A 123 -5.69 8.10 -0.61
CA HIS A 123 -5.73 9.38 0.09
C HIS A 123 -4.81 9.40 1.30
N VAL A 124 -4.14 10.53 1.55
CA VAL A 124 -3.52 10.78 2.85
C VAL A 124 -4.61 11.20 3.83
N LEU A 125 -4.73 10.48 4.94
CA LEU A 125 -5.71 10.80 5.96
C LEU A 125 -5.09 11.80 6.94
N GLU A 126 -5.69 12.97 7.04
CA GLU A 126 -5.25 13.99 7.98
C GLU A 126 -5.52 13.55 9.42
N THR A 127 -4.51 13.66 10.26
CA THR A 127 -4.67 13.23 11.64
C THR A 127 -5.82 13.99 12.27
N GLY A 128 -6.68 13.26 12.96
CA GLY A 128 -7.83 13.85 13.60
C GLY A 128 -9.08 13.90 12.75
N ASN A 129 -8.99 13.62 11.45
CA ASN A 129 -10.16 13.68 10.59
C ASN A 129 -10.93 12.37 10.65
N ALA A 130 -12.18 12.44 10.22
CA ALA A 130 -13.10 11.33 10.10
C ALA A 130 -13.35 11.09 8.61
N VAL A 131 -13.87 9.91 8.28
CA VAL A 131 -14.20 9.54 6.92
C VAL A 131 -15.65 9.11 6.86
N TYR A 132 -16.30 9.38 5.74
CA TYR A 132 -17.54 8.73 5.35
C TYR A 132 -17.43 8.46 3.85
N GLY A 133 -17.50 7.21 3.45
CA GLY A 133 -17.62 6.93 2.02
C GLY A 133 -16.38 7.40 1.27
N LYS A 134 -16.59 8.31 0.32
CA LYS A 134 -15.50 8.80 -0.49
C LYS A 134 -14.85 10.08 0.03
N VAL A 135 -15.23 10.58 1.22
CA VAL A 135 -14.66 11.85 1.68
C VAL A 135 -14.14 11.78 3.11
N GLN A 136 -13.13 12.64 3.39
CA GLN A 136 -12.68 12.93 4.74
C GLN A 136 -13.03 14.37 5.10
N HIS A 137 -13.18 14.64 6.40
CA HIS A 137 -13.40 16.01 6.88
C HIS A 137 -13.38 15.99 8.39
N GLU A 138 -13.58 17.16 8.98
CA GLU A 138 -13.78 17.23 10.42
C GLU A 138 -14.94 16.35 10.86
N TYR A 139 -14.79 15.78 12.06
CA TYR A 139 -15.78 14.85 12.61
C TYR A 139 -17.21 15.39 12.51
N SER A 140 -17.45 16.63 12.92
CA SER A 140 -18.83 17.10 12.93
C SER A 140 -19.38 17.24 11.52
N THR A 141 -18.52 17.57 10.55
CA THR A 141 -18.98 17.60 9.17
C THR A 141 -19.32 16.22 8.68
N ILE A 142 -18.50 15.24 9.02
CA ILE A 142 -18.70 13.88 8.54
C ILE A 142 -19.93 13.29 9.20
N LYS A 143 -20.13 13.59 10.48
CA LYS A 143 -21.31 13.11 11.18
C LYS A 143 -22.60 13.58 10.51
N GLU A 144 -22.64 14.86 10.08
CA GLU A 144 -23.81 15.36 9.37
C GLU A 144 -24.00 14.63 8.05
N LYS A 145 -22.92 14.37 7.32
CA LYS A 145 -23.04 13.61 6.08
C LYS A 145 -23.60 12.21 6.36
N ALA A 146 -23.05 11.52 7.36
CA ALA A 146 -23.50 10.17 7.65
C ALA A 146 -24.99 10.16 7.99
N LYS A 147 -25.44 11.19 8.72
CA LYS A 147 -26.85 11.28 9.10
C LYS A 147 -27.75 11.35 7.87
N GLU A 148 -27.34 12.13 6.88
CA GLU A 148 -28.12 12.22 5.65
C GLU A 148 -28.16 10.89 4.91
N MET A 149 -27.05 10.16 4.87
CA MET A 149 -26.98 8.94 4.08
C MET A 149 -27.55 7.72 4.79
N ASN A 150 -27.93 7.85 6.06
CA ASN A 150 -28.33 6.69 6.85
C ASN A 150 -29.57 6.02 6.27
N ALA A 151 -30.49 6.78 5.71
CA ALA A 151 -31.75 6.22 5.26
C ALA A 151 -31.62 5.46 3.94
N LEU A 152 -30.56 5.67 3.18
CA LEU A 152 -30.44 5.01 1.89
C LEU A 152 -30.24 3.51 2.03
N LYS A 153 -30.86 2.76 1.11
CA LYS A 153 -30.64 1.31 1.04
C LYS A 153 -29.30 1.02 0.37
N PRO A 154 -28.51 0.08 0.90
CA PRO A 154 -27.16 -0.14 0.34
C PRO A 154 -27.26 -0.86 -1.00
N GLY A 155 -26.56 -0.32 -1.99
CA GLY A 155 -26.39 -0.96 -3.27
C GLY A 155 -25.03 -1.63 -3.40
N PRO A 156 -24.75 -2.18 -4.58
CA PRO A 156 -23.46 -2.85 -4.81
C PRO A 156 -22.27 -1.89 -4.77
N ILE A 157 -21.16 -2.40 -4.24
CA ILE A 157 -19.90 -1.66 -4.20
C ILE A 157 -19.44 -1.35 -5.63
N ILE A 158 -19.06 -0.07 -5.86
CA ILE A 158 -18.54 0.37 -7.19
C ILE A 158 -17.17 1.05 -7.06
N ASP A 159 -16.82 1.51 -5.86
CA ASP A 159 -15.55 2.25 -5.68
C ASP A 159 -14.92 1.97 -4.32
N TYR A 160 -13.60 1.84 -4.30
CA TYR A 160 -12.81 1.65 -3.08
C TYR A 160 -11.98 2.91 -2.80
N HIS A 161 -11.87 3.28 -1.53
CA HIS A 161 -11.08 4.43 -1.09
C HIS A 161 -10.15 3.99 0.04
N VAL A 162 -8.85 4.21 -0.17
CA VAL A 162 -7.81 3.79 0.77
C VAL A 162 -7.31 5.02 1.50
N TRP A 163 -7.36 5.01 2.83
CA TRP A 163 -7.05 6.18 3.64
C TRP A 163 -5.85 5.84 4.50
N ILE A 164 -4.72 6.54 4.26
CA ILE A 164 -3.45 6.20 4.90
C ILE A 164 -3.08 7.32 5.85
N GLY A 165 -3.14 7.03 7.16
CA GLY A 165 -2.83 7.99 8.19
C GLY A 165 -1.65 7.65 9.11
N ASP A 166 -1.29 8.65 9.93
CA ASP A 166 -0.15 8.48 10.82
C ASP A 166 -0.42 7.49 11.93
N CYS A 167 -1.68 7.30 12.31
CA CYS A 167 -2.02 6.41 13.41
C CYS A 167 -2.90 5.25 13.01
N VAL A 168 -3.64 5.37 11.91
CA VAL A 168 -4.55 4.32 11.47
C VAL A 168 -4.60 4.37 9.96
N CYS A 169 -4.90 3.23 9.33
CA CYS A 169 -5.20 3.13 7.91
C CYS A 169 -6.60 2.52 7.78
N GLN A 170 -7.35 2.86 6.76
CA GLN A 170 -8.66 2.27 6.57
C GLN A 170 -8.98 2.21 5.07
N VAL A 171 -9.93 1.30 4.77
CA VAL A 171 -10.45 1.18 3.41
C VAL A 171 -11.96 1.30 3.47
N THR A 172 -12.54 2.24 2.72
CA THR A 172 -13.99 2.30 2.61
C THR A 172 -14.45 1.94 1.20
N THR A 173 -15.74 1.60 1.08
CA THR A 173 -16.32 1.28 -0.21
C THR A 173 -17.68 1.97 -0.30
N VAL A 174 -18.05 2.41 -1.50
CA VAL A 174 -19.32 3.08 -1.75
C VAL A 174 -20.07 2.48 -2.93
N ASP A 175 -21.39 2.68 -2.93
CA ASP A 175 -22.23 2.41 -4.09
C ASP A 175 -22.37 3.68 -4.95
N VAL A 176 -23.16 3.59 -6.02
CA VAL A 176 -23.22 4.69 -6.98
C VAL A 176 -23.85 5.94 -6.38
N HIS A 177 -24.56 5.81 -5.27
CA HIS A 177 -25.17 6.96 -4.62
C HIS A 177 -24.30 7.55 -3.53
N GLY A 178 -23.10 7.02 -3.32
CA GLY A 178 -22.20 7.54 -2.33
C GLY A 178 -22.39 6.94 -0.94
N LYS A 179 -23.31 5.98 -0.78
CA LYS A 179 -23.48 5.37 0.53
C LYS A 179 -22.28 4.48 0.82
N GLU A 180 -21.79 4.54 2.06
CA GLU A 180 -20.74 3.63 2.51
C GLU A 180 -21.31 2.25 2.78
N ILE A 181 -20.69 1.24 2.17
CA ILE A 181 -21.17 -0.12 2.26
C ILE A 181 -20.35 -0.92 3.26
N MET A 182 -19.04 -0.77 3.21
CA MET A 182 -18.16 -1.60 4.02
C MET A 182 -16.94 -0.77 4.38
N ARG A 183 -16.42 -0.96 5.60
CA ARG A 183 -15.17 -0.33 6.04
C ARG A 183 -14.28 -1.37 6.70
N MET A 184 -13.00 -1.37 6.38
CA MET A 184 -12.01 -2.12 7.16
C MET A 184 -10.97 -1.15 7.72
N ARG A 185 -10.58 -1.35 8.98
CA ARG A 185 -9.52 -0.57 9.60
C ARG A 185 -8.29 -1.42 9.89
N PHE A 186 -7.09 -0.87 9.59
CA PHE A 186 -5.80 -1.49 9.88
C PHE A 186 -5.13 -0.61 10.93
N LYS A 187 -4.74 -1.16 12.07
CA LYS A 187 -4.28 -0.33 13.18
C LYS A 187 -2.76 -0.18 13.16
N ARG A 188 -2.29 0.51 12.11
CA ARG A 188 -0.87 0.81 11.93
C ARG A 188 -0.77 2.16 11.23
N GLY A 189 0.36 2.85 11.42
CA GLY A 189 0.58 4.15 10.81
C GLY A 189 1.51 4.03 9.63
N ALA A 190 1.29 4.88 8.62
CA ALA A 190 1.99 4.71 7.36
C ALA A 190 1.97 5.99 6.53
N VAL A 191 2.76 5.93 5.44
CA VAL A 191 2.77 6.95 4.40
C VAL A 191 2.45 6.30 3.05
N LEU A 192 2.11 7.16 2.07
CA LEU A 192 1.95 6.78 0.67
C LEU A 192 3.18 7.15 -0.15
N PRO A 193 3.47 6.41 -1.22
CA PRO A 193 4.57 6.81 -2.10
C PRO A 193 4.32 8.15 -2.76
N ILE A 194 5.41 8.81 -3.11
CA ILE A 194 5.36 10.05 -3.87
C ILE A 194 5.89 9.75 -5.27
N PRO A 195 5.08 9.89 -6.34
CA PRO A 195 5.52 9.60 -7.72
C PRO A 195 6.72 10.46 -8.15
C18 VZ6 B . -13.91 11.50 17.48
C13 VZ6 B . -12.06 12.41 16.01
C10 VZ6 B . -12.22 9.72 13.61
C15 VZ6 B . -13.91 13.67 17.20
C17 VZ6 B . -15.01 12.08 18.10
C2 VZ6 B . -10.13 5.54 14.56
C20 VZ6 B . -14.52 9.47 18.12
C22 VZ6 B . -15.90 11.23 18.77
C24 VZ6 B . -10.89 11.59 16.57
C28 VZ6 B . -10.56 4.82 16.84
C29 VZ6 B . -11.80 4.71 15.97
C3 VZ6 B . -9.42 5.25 15.88
C31 VZ6 B . -13.54 5.88 17.44
C33 VZ6 B . -15.14 4.45 17.40
C34 VZ6 B . -14.09 3.88 16.69
C36 VZ6 B . -15.19 2.01 16.20
C38 VZ6 B . -16.39 3.71 17.50
C4 VZ6 B . -8.60 6.43 16.38
C40 VZ6 B . -11.53 5.89 15.06
C8 VZ6 B . -10.79 10.37 15.66
C9 VZ6 B . -11.51 10.81 14.39
F1 VZ6 B . -10.15 4.48 13.62
F25 VZ6 B . -9.71 12.33 16.50
N14 VZ6 B . -13.22 12.52 16.89
N16 VZ6 B . -14.99 13.46 17.92
N19 VZ6 B . -13.61 10.19 17.46
N21 VZ6 B . -15.62 9.90 18.76
N23 VZ6 B . -17.02 11.63 19.38
N30 VZ6 B . -13.06 4.80 16.73
N32 VZ6 B . -14.79 5.71 17.87
N35 VZ6 B . -14.06 2.67 16.10
N37 VZ6 B . -16.30 2.47 16.85
O11 VZ6 B . -12.38 8.51 14.39
O12 VZ6 B . -12.48 11.78 14.81
O26 VZ6 B . -9.09 9.16 17.68
O27 VZ6 B . -7.14 9.24 16.01
O39 VZ6 B . -17.45 4.09 18.05
O41 VZ6 B . -12.48 5.97 14.00
O43 VZ6 B . -14.60 7.27 14.52
O44 VZ6 B . -13.27 7.49 12.32
O5 VZ6 B . -9.01 7.63 15.68
O7 VZ6 B . -9.40 10.11 15.37
P42 VZ6 B . -13.30 7.36 13.80
P6 VZ6 B . -8.58 9.05 16.29
#